data_2VWX
#
_entry.id   2VWX
#
_cell.length_a   45.777
_cell.length_b   53.451
_cell.length_c   61.347
_cell.angle_alpha   90.00
_cell.angle_beta   110.57
_cell.angle_gamma   90.00
#
_symmetry.space_group_name_H-M   'P 1 21 1'
#
loop_
_entity.id
_entity.type
_entity.pdbx_description
1 polymer 'EPHRIN TYPE-B RECEPTOR 4'
2 non-polymer 3-({4-[(5-chloro-1,3-benzodioxol-4-yl)amino]pyrimidin-2-yl}amino)benzenesulfonamide
3 non-polymer 'MAGNESIUM ION'
4 water water
#
_entity_poly.entity_id   1
_entity_poly.type   'polypeptide(L)'
_entity_poly.pdbx_seq_one_letter_code
;DPNEAVREFAKEIDVSYVKIEEVIGAGEFGEVCRGRLKAPGKKESCVAIKTLKGGYTERQRREFLSEASIMGQFEHPNII
RLEGVVTNSMPVMILTEFMENGALDSFLRLNDGQFTVIQLVGMLRGIASGMRYLAEMSYVHRDLAARNILVNSNLVCKVS
DFGLSRFLEENSSDPTETSSLGGKIPIRWTAPEAIAFRKFTSASDAWSYGIVMWEVMSFGERPYWDMSNQDVINAIEQDY
RLPPPPDCPTSLHQLMLDCWQKDRNARPRFPQVVSALDKMIRNPASLKIVARENGGASHPLL
;
_entity_poly.pdbx_strand_id   A
#
# COMPACT_ATOMS: atom_id res chain seq x y z
N LYS A 11 -8.95 9.83 18.12
CA LYS A 11 -9.05 11.24 18.53
C LYS A 11 -10.15 11.98 17.77
N GLU A 12 -11.14 12.43 18.53
CA GLU A 12 -12.24 13.17 17.98
C GLU A 12 -11.79 14.59 17.75
N ILE A 13 -12.03 15.07 16.55
CA ILE A 13 -11.65 16.39 16.12
C ILE A 13 -12.93 17.22 16.00
N ASP A 14 -12.92 18.36 16.67
CA ASP A 14 -13.96 19.36 16.53
C ASP A 14 -14.05 19.77 15.07
N VAL A 15 -15.24 19.63 14.49
CA VAL A 15 -15.43 19.98 13.10
C VAL A 15 -15.04 21.43 12.75
N SER A 16 -15.04 22.31 13.74
CA SER A 16 -14.64 23.70 13.51
C SER A 16 -13.14 23.80 13.20
N TYR A 17 -12.39 22.73 13.48
CA TYR A 17 -10.97 22.72 13.22
C TYR A 17 -10.60 22.30 11.81
N VAL A 18 -11.61 21.84 11.03
CA VAL A 18 -11.42 21.28 9.68
C VAL A 18 -12.01 22.18 8.62
N LYS A 19 -11.27 22.42 7.55
CA LYS A 19 -11.72 23.14 6.36
C LYS A 19 -11.44 22.21 5.19
N ILE A 20 -12.46 21.84 4.44
CA ILE A 20 -12.29 21.07 3.20
C ILE A 20 -12.07 22.01 2.02
N GLU A 21 -11.01 21.77 1.25
CA GLU A 21 -10.56 22.66 0.17
C GLU A 21 -11.01 22.14 -1.19
N GLU A 22 -10.92 20.84 -1.44
CA GLU A 22 -11.12 20.33 -2.80
C GLU A 22 -11.34 18.83 -2.74
N VAL A 23 -12.19 18.29 -3.62
CA VAL A 23 -12.39 16.85 -3.76
C VAL A 23 -11.27 16.38 -4.71
N ILE A 24 -10.47 15.41 -4.26
CA ILE A 24 -9.31 14.90 -5.01
C ILE A 24 -9.41 13.42 -5.40
N GLY A 25 -10.44 12.75 -4.94
CA GLY A 25 -10.58 11.34 -5.22
C GLY A 25 -11.88 10.77 -4.74
N ALA A 26 -12.01 9.46 -4.91
CA ALA A 26 -13.23 8.71 -4.50
C ALA A 26 -12.76 7.46 -3.77
N GLY A 27 -13.39 7.15 -2.65
CA GLY A 27 -13.12 5.92 -1.96
C GLY A 27 -14.36 5.04 -1.98
N GLU A 28 -14.25 3.92 -1.29
CA GLU A 28 -15.32 2.93 -1.23
C GLU A 28 -16.64 3.53 -0.76
N PHE A 29 -16.58 4.45 0.22
CA PHE A 29 -17.78 4.90 0.86
C PHE A 29 -18.06 6.37 0.65
N GLY A 30 -17.23 7.05 -0.12
CA GLY A 30 -17.41 8.48 -0.35
C GLY A 30 -16.21 9.16 -0.99
N GLU A 31 -16.15 10.47 -0.78
CA GLU A 31 -15.13 11.31 -1.34
C GLU A 31 -13.83 11.24 -0.55
N VAL A 32 -12.73 11.54 -1.25
CA VAL A 32 -11.46 11.87 -0.63
C VAL A 32 -11.18 13.31 -0.99
N CYS A 33 -10.83 14.11 0.03
CA CYS A 33 -10.64 15.56 -0.10
C CYS A 33 -9.31 15.99 0.47
N ARG A 34 -8.82 17.13 0.00
CA ARG A 34 -7.72 17.83 0.60
C ARG A 34 -8.31 18.91 1.47
N GLY A 35 -7.66 19.14 2.60
CA GLY A 35 -8.12 20.19 3.50
C GLY A 35 -7.03 20.65 4.44
N ARG A 36 -7.48 21.42 5.42
CA ARG A 36 -6.65 22.02 6.45
C ARG A 36 -7.23 21.68 7.82
N LEU A 37 -6.34 21.36 8.75
CA LEU A 37 -6.65 21.09 10.15
C LEU A 37 -5.94 22.16 10.98
N LYS A 38 -6.67 22.88 11.81
CA LYS A 38 -6.08 23.87 12.72
C LYS A 38 -6.71 23.68 14.10
N ALA A 39 -5.90 23.22 15.04
CA ALA A 39 -6.33 22.95 16.39
C ALA A 39 -5.60 23.88 17.35
N PRO A 40 -6.27 24.25 18.43
CA PRO A 40 -5.68 25.18 19.38
C PRO A 40 -4.31 24.73 19.83
N GLY A 41 -3.36 25.65 19.78
CA GLY A 41 -1.99 25.39 20.21
C GLY A 41 -1.07 24.74 19.19
N LYS A 42 -1.64 24.31 18.06
CA LYS A 42 -0.90 23.68 16.98
C LYS A 42 -0.97 24.51 15.72
N LYS A 43 0.08 24.43 14.92
CA LYS A 43 0.11 25.13 13.65
C LYS A 43 -0.83 24.36 12.72
N GLU A 44 -1.37 25.08 11.76
CA GLU A 44 -2.27 24.47 10.76
C GLU A 44 -1.49 23.47 9.94
N SER A 45 -2.15 22.40 9.50
CA SER A 45 -1.49 21.44 8.64
C SER A 45 -2.45 21.02 7.56
N CYS A 46 -1.87 20.47 6.50
CA CYS A 46 -2.63 19.93 5.39
CA CYS A 46 -2.61 19.94 5.39
C CYS A 46 -3.04 18.53 5.74
N VAL A 47 -4.28 18.18 5.43
CA VAL A 47 -4.76 16.81 5.67
C VAL A 47 -5.52 16.28 4.45
N ALA A 48 -5.56 14.96 4.31
CA ALA A 48 -6.54 14.30 3.46
C ALA A 48 -7.70 13.96 4.37
N ILE A 49 -8.89 14.05 3.80
CA ILE A 49 -10.15 13.81 4.51
C ILE A 49 -11.04 12.87 3.74
N LYS A 50 -11.42 11.73 4.33
CA LYS A 50 -12.42 10.85 3.75
C LYS A 50 -13.71 11.24 4.40
N THR A 51 -14.78 11.32 3.61
CA THR A 51 -16.09 11.64 4.20
C THR A 51 -17.08 10.51 3.97
N LEU A 52 -17.98 10.32 4.94
CA LEU A 52 -19.09 9.41 4.81
C LEU A 52 -20.38 10.22 5.03
N LYS A 53 -21.19 10.33 4.00
CA LYS A 53 -22.45 11.10 4.08
C LYS A 53 -23.64 10.18 4.40
N GLY A 54 -24.85 10.70 4.21
CA GLY A 54 -26.10 9.96 4.50
C GLY A 54 -26.31 8.69 3.67
N GLY A 55 -27.12 7.78 4.21
CA GLY A 55 -27.64 6.63 3.46
C GLY A 55 -26.90 5.30 3.59
N TYR A 56 -25.88 5.22 4.44
CA TYR A 56 -25.19 3.94 4.67
C TYR A 56 -25.72 3.28 5.92
N THR A 57 -25.52 1.96 6.01
CA THR A 57 -25.92 1.21 7.19
C THR A 57 -24.94 1.41 8.32
N GLU A 58 -25.33 1.07 9.54
CA GLU A 58 -24.40 1.12 10.68
C GLU A 58 -23.20 0.22 10.47
N ARG A 59 -23.38 -0.91 9.79
CA ARG A 59 -22.27 -1.80 9.53
C ARG A 59 -21.29 -1.09 8.64
N GLN A 60 -21.81 -0.32 7.68
CA GLN A 60 -20.96 0.42 6.75
C GLN A 60 -20.20 1.55 7.47
N ARG A 61 -20.87 2.23 8.39
CA ARG A 61 -20.22 3.23 9.25
C ARG A 61 -19.07 2.62 10.03
N ARG A 62 -19.29 1.43 10.59
CA ARG A 62 -18.27 0.77 11.38
C ARG A 62 -17.09 0.37 10.53
N GLU A 63 -17.38 -0.13 9.33
CA GLU A 63 -16.31 -0.54 8.44
C GLU A 63 -15.51 0.66 8.00
N PHE A 64 -16.21 1.75 7.71
CA PHE A 64 -15.55 2.99 7.32
C PHE A 64 -14.62 3.42 8.43
N LEU A 65 -15.16 3.51 9.66
CA LEU A 65 -14.36 4.00 10.80
C LEU A 65 -13.32 3.00 11.25
N SER A 66 -13.49 1.72 10.92
CA SER A 66 -12.45 0.74 11.31
C SER A 66 -11.05 1.08 10.76
N GLU A 67 -11.00 1.70 9.58
CA GLU A 67 -9.71 2.08 8.96
C GLU A 67 -8.99 3.06 9.86
N ALA A 68 -9.72 4.03 10.40
CA ALA A 68 -9.18 4.94 11.42
C ALA A 68 -8.69 4.21 12.69
N SER A 69 -9.50 3.30 13.23
CA SER A 69 -9.11 2.55 14.42
C SER A 69 -7.80 1.85 14.19
N ILE A 70 -7.64 1.26 13.02
CA ILE A 70 -6.41 0.52 12.70
C ILE A 70 -5.25 1.48 12.50
N MET A 71 -5.44 2.50 11.66
CA MET A 71 -4.36 3.47 11.47
C MET A 71 -3.88 4.06 12.78
N GLY A 72 -4.80 4.30 13.68
CA GLY A 72 -4.48 4.93 14.94
C GLY A 72 -3.64 4.05 15.84
N GLN A 73 -3.54 2.77 15.53
CA GLN A 73 -2.68 1.83 16.30
C GLN A 73 -1.21 1.93 15.90
N PHE A 74 -0.95 2.60 14.78
CA PHE A 74 0.39 2.68 14.21
C PHE A 74 1.03 4.08 14.25
N GLU A 75 2.34 4.07 14.33
CA GLU A 75 3.13 5.30 14.30
C GLU A 75 4.46 4.91 13.68
N HIS A 76 4.66 5.32 12.43
CA HIS A 76 5.85 5.02 11.67
C HIS A 76 5.91 5.95 10.45
N PRO A 77 7.11 6.44 10.09
CA PRO A 77 7.16 7.40 8.95
C PRO A 77 6.77 6.85 7.61
N ASN A 78 6.70 5.53 7.49
CA ASN A 78 6.23 4.92 6.25
C ASN A 78 4.85 4.25 6.29
N ILE A 79 4.03 4.68 7.26
CA ILE A 79 2.68 4.23 7.42
C ILE A 79 1.84 5.51 7.52
N ILE A 80 0.77 5.58 6.75
CA ILE A 80 -0.07 6.80 6.75
C ILE A 80 -0.51 7.17 8.17
N ARG A 81 -0.32 8.43 8.53
CA ARG A 81 -0.55 8.90 9.89
C ARG A 81 -2.00 9.35 10.04
N LEU A 82 -2.67 8.84 11.04
CA LEU A 82 -4.02 9.35 11.36
C LEU A 82 -3.95 10.64 12.19
N GLU A 83 -4.68 11.67 11.75
CA GLU A 83 -4.81 12.89 12.57
C GLU A 83 -6.01 12.80 13.49
N GLY A 84 -7.12 12.25 13.01
CA GLY A 84 -8.29 12.09 13.87
C GLY A 84 -9.53 11.77 13.08
N VAL A 85 -10.66 11.77 13.79
CA VAL A 85 -11.95 11.47 13.19
C VAL A 85 -12.99 12.49 13.62
N VAL A 86 -14.02 12.59 12.80
CA VAL A 86 -15.22 13.38 13.15
C VAL A 86 -16.39 12.41 13.12
N THR A 87 -16.93 12.10 14.30
CA THR A 87 -17.97 11.10 14.46
C THR A 87 -19.26 11.59 15.16
N ASN A 88 -19.25 12.81 15.69
CA ASN A 88 -20.41 13.36 16.43
C ASN A 88 -21.16 14.37 15.56
N SER A 89 -21.00 14.23 14.25
CA SER A 89 -21.46 15.22 13.29
C SER A 89 -21.46 14.58 11.90
N MET A 90 -22.22 15.16 10.97
CA MET A 90 -22.27 14.70 9.55
CA MET A 90 -22.23 14.69 9.59
C MET A 90 -21.64 15.76 8.66
N PRO A 91 -20.82 15.34 7.69
CA PRO A 91 -20.47 13.96 7.39
C PRO A 91 -19.48 13.41 8.42
N VAL A 92 -19.44 12.09 8.52
CA VAL A 92 -18.45 11.44 9.34
C VAL A 92 -17.16 11.62 8.55
N MET A 93 -16.04 11.82 9.24
CA MET A 93 -14.76 12.05 8.53
C MET A 93 -13.59 11.32 9.19
N ILE A 94 -12.64 10.94 8.36
CA ILE A 94 -11.34 10.46 8.77
C ILE A 94 -10.30 11.39 8.15
N LEU A 95 -9.43 11.94 9.01
CA LEU A 95 -8.37 12.83 8.63
C LEU A 95 -7.03 12.17 8.82
N THR A 96 -6.19 12.30 7.81
CA THR A 96 -4.81 11.77 7.80
C THR A 96 -3.88 12.85 7.29
N GLU A 97 -2.59 12.60 7.44
CA GLU A 97 -1.61 13.42 6.76
C GLU A 97 -1.94 13.46 5.24
N PHE A 98 -1.55 14.53 4.55
CA PHE A 98 -1.83 14.64 3.12
C PHE A 98 -0.58 14.20 2.36
N MET A 99 -0.77 13.38 1.34
CA MET A 99 0.28 12.82 0.51
C MET A 99 0.08 13.44 -0.85
N GLU A 100 0.87 14.46 -1.13
CA GLU A 100 0.62 15.33 -2.30
C GLU A 100 0.53 14.62 -3.64
N ASN A 101 1.32 13.55 -3.83
CA ASN A 101 1.41 12.88 -5.13
C ASN A 101 0.52 11.66 -5.26
N GLY A 102 -0.32 11.40 -4.26
CA GLY A 102 -1.35 10.38 -4.43
C GLY A 102 -0.79 8.99 -4.54
N ALA A 103 -1.47 8.12 -5.28
CA ALA A 103 -1.13 6.69 -5.36
C ALA A 103 0.09 6.47 -6.21
N LEU A 104 0.93 5.57 -5.78
CA LEU A 104 2.21 5.33 -6.43
C LEU A 104 2.11 4.82 -7.86
N ASP A 105 1.17 3.93 -8.14
CA ASP A 105 1.10 3.37 -9.52
C ASP A 105 0.78 4.48 -10.53
N SER A 106 -0.21 5.31 -10.22
CA SER A 106 -0.58 6.41 -11.11
C SER A 106 0.52 7.45 -11.18
N PHE A 107 1.17 7.71 -10.05
CA PHE A 107 2.24 8.69 -10.01
C PHE A 107 3.38 8.26 -10.92
N LEU A 108 3.69 6.96 -10.90
CA LEU A 108 4.81 6.50 -11.71
C LEU A 108 4.46 6.48 -13.18
N ARG A 109 3.21 6.12 -13.49
CA ARG A 109 2.77 6.13 -14.90
C ARG A 109 2.85 7.55 -15.50
N LEU A 110 2.46 8.54 -14.72
CA LEU A 110 2.60 9.96 -15.10
C LEU A 110 4.07 10.34 -15.36
N ASN A 111 4.95 9.72 -14.59
CA ASN A 111 6.37 10.06 -14.58
C ASN A 111 7.26 8.94 -15.18
N ASP A 112 6.75 8.33 -16.25
CA ASP A 112 7.31 7.12 -16.78
C ASP A 112 8.71 7.40 -17.22
N GLY A 113 9.67 6.62 -16.74
CA GLY A 113 11.09 6.82 -17.06
C GLY A 113 11.79 8.05 -16.51
N GLN A 114 11.15 8.77 -15.59
CA GLN A 114 11.62 10.08 -15.17
C GLN A 114 12.26 10.12 -13.81
N PHE A 115 12.24 8.99 -13.11
CA PHE A 115 12.97 8.87 -11.83
C PHE A 115 14.08 7.83 -12.03
N THR A 116 15.22 8.05 -11.37
CA THR A 116 16.35 7.13 -11.51
C THR A 116 16.15 5.85 -10.75
N VAL A 117 17.01 4.88 -11.04
CA VAL A 117 16.95 3.61 -10.34
C VAL A 117 17.12 3.85 -8.86
N ILE A 118 18.04 4.72 -8.47
CA ILE A 118 18.24 4.96 -7.04
C ILE A 118 17.02 5.56 -6.36
N GLN A 119 16.32 6.44 -7.06
CA GLN A 119 15.07 6.98 -6.53
C GLN A 119 14.06 5.87 -6.36
N LEU A 120 13.90 5.05 -7.39
CA LEU A 120 12.95 3.92 -7.31
C LEU A 120 13.26 2.98 -6.16
N VAL A 121 14.55 2.71 -5.96
CA VAL A 121 14.96 1.84 -4.85
C VAL A 121 14.64 2.52 -3.51
N GLY A 122 14.81 3.83 -3.42
CA GLY A 122 14.45 4.54 -2.18
C GLY A 122 12.98 4.43 -1.87
N MET A 123 12.16 4.50 -2.91
CA MET A 123 10.68 4.31 -2.78
C MET A 123 10.42 2.89 -2.23
N LEU A 124 11.01 1.90 -2.88
CA LEU A 124 10.92 0.49 -2.43
C LEU A 124 11.38 0.26 -1.01
N ARG A 125 12.41 1.00 -0.60
CA ARG A 125 12.94 0.88 0.77
C ARG A 125 11.93 1.39 1.80
N GLY A 126 11.30 2.53 1.50
CA GLY A 126 10.26 3.10 2.38
C GLY A 126 9.10 2.15 2.50
N ILE A 127 8.66 1.58 1.37
CA ILE A 127 7.57 0.61 1.45
C ILE A 127 8.02 -0.54 2.33
N ALA A 128 9.22 -1.03 2.09
CA ALA A 128 9.69 -2.22 2.86
C ALA A 128 9.84 -1.90 4.34
N SER A 129 10.18 -0.66 4.68
CA SER A 129 10.29 -0.27 6.07
C SER A 129 8.89 -0.24 6.71
N GLY A 130 7.91 0.31 5.99
CA GLY A 130 6.51 0.26 6.49
C GLY A 130 6.11 -1.15 6.77
N MET A 131 6.43 -2.06 5.85
CA MET A 131 6.03 -3.44 5.99
C MET A 131 6.77 -4.18 7.13
N ARG A 132 8.08 -3.91 7.25
CA ARG A 132 8.89 -4.33 8.38
C ARG A 132 8.17 -4.00 9.70
N TYR A 133 7.69 -2.77 9.82
CA TYR A 133 7.00 -2.32 11.02
C TYR A 133 5.68 -3.08 11.22
N LEU A 134 4.88 -3.20 10.16
CA LEU A 134 3.59 -3.87 10.25
C LEU A 134 3.83 -5.31 10.68
N ALA A 135 4.84 -5.95 10.11
CA ALA A 135 5.15 -7.34 10.47
C ALA A 135 5.59 -7.49 11.90
N GLU A 136 6.37 -6.53 12.37
CA GLU A 136 6.78 -6.48 13.77
C GLU A 136 5.56 -6.35 14.70
N MET A 137 4.58 -5.58 14.26
CA MET A 137 3.32 -5.38 14.98
C MET A 137 2.28 -6.52 14.79
N SER A 138 2.70 -7.59 14.10
CA SER A 138 1.85 -8.73 13.74
C SER A 138 0.61 -8.33 12.94
N TYR A 139 0.77 -7.33 12.09
CA TYR A 139 -0.33 -6.93 11.24
C TYR A 139 -0.02 -7.41 9.84
N VAL A 140 -0.93 -8.22 9.29
CA VAL A 140 -0.88 -8.63 7.91
C VAL A 140 -1.76 -7.75 7.05
N HIS A 141 -1.13 -7.15 6.05
CA HIS A 141 -1.79 -6.18 5.20
C HIS A 141 -2.85 -6.80 4.30
N ARG A 142 -2.44 -7.83 3.57
CA ARG A 142 -3.28 -8.62 2.66
C ARG A 142 -3.64 -7.99 1.32
N ASP A 143 -3.43 -6.69 1.16
CA ASP A 143 -3.73 -6.02 -0.13
C ASP A 143 -2.56 -5.09 -0.48
N LEU A 144 -1.34 -5.56 -0.29
CA LEU A 144 -0.16 -4.79 -0.59
C LEU A 144 0.02 -4.70 -2.12
N ALA A 145 -0.08 -3.49 -2.65
CA ALA A 145 -0.13 -3.21 -4.08
C ALA A 145 0.27 -1.76 -4.23
N ALA A 146 0.87 -1.41 -5.38
CA ALA A 146 1.33 -0.03 -5.58
C ALA A 146 0.20 0.99 -5.42
N ARG A 147 -1.00 0.63 -5.88
CA ARG A 147 -2.18 1.48 -5.70
C ARG A 147 -2.45 1.81 -4.25
N ASN A 148 -1.96 1.00 -3.33
CA ASN A 148 -2.13 1.29 -1.89
C ASN A 148 -0.95 1.96 -1.22
N ILE A 149 0.04 2.41 -2.01
CA ILE A 149 1.17 3.16 -1.52
C ILE A 149 0.92 4.59 -1.93
N LEU A 150 0.99 5.48 -0.95
CA LEU A 150 0.84 6.91 -1.19
C LEU A 150 2.20 7.61 -1.14
N VAL A 151 2.34 8.68 -1.90
CA VAL A 151 3.63 9.32 -2.12
C VAL A 151 3.53 10.81 -1.78
N ASN A 152 4.42 11.32 -0.93
CA ASN A 152 4.42 12.76 -0.59
C ASN A 152 5.30 13.59 -1.53
N SER A 153 5.43 14.90 -1.25
CA SER A 153 6.15 15.81 -2.15
CA SER A 153 6.15 15.83 -2.13
C SER A 153 7.63 15.52 -2.19
N ASN A 154 8.15 14.87 -1.15
CA ASN A 154 9.55 14.49 -1.09
C ASN A 154 9.79 13.05 -1.58
N LEU A 155 8.75 12.47 -2.18
CA LEU A 155 8.77 11.10 -2.75
C LEU A 155 8.85 10.00 -1.71
N VAL A 156 8.58 10.36 -0.45
CA VAL A 156 8.47 9.36 0.60
C VAL A 156 7.20 8.55 0.38
N CYS A 157 7.36 7.22 0.39
CA CYS A 157 6.30 6.28 0.18
C CYS A 157 5.74 5.73 1.49
N LYS A 158 4.41 5.72 1.61
CA LYS A 158 3.78 5.22 2.82
C LYS A 158 2.65 4.24 2.52
N VAL A 159 2.58 3.21 3.36
CA VAL A 159 1.54 2.19 3.24
C VAL A 159 0.19 2.77 3.71
N SER A 160 -0.81 2.48 2.88
CA SER A 160 -2.20 2.76 3.19
C SER A 160 -3.11 1.56 2.94
N ASP A 161 -4.37 1.73 3.30
CA ASP A 161 -5.42 0.76 3.14
C ASP A 161 -5.42 -0.23 4.27
N PHE A 162 -6.16 0.12 5.32
CA PHE A 162 -6.19 -0.68 6.54
C PHE A 162 -7.62 -1.16 6.85
N GLY A 163 -7.72 -2.43 7.23
CA GLY A 163 -8.99 -3.03 7.42
C GLY A 163 -8.73 -4.48 7.76
N LEU A 164 -9.56 -5.00 8.64
CA LEU A 164 -9.39 -6.37 9.13
C LEU A 164 -10.49 -7.29 8.67
N SER A 165 -11.33 -6.84 7.75
CA SER A 165 -12.48 -7.62 7.33
C SER A 165 -12.00 -8.74 6.46
N ARG A 166 -12.56 -9.92 6.67
CA ARG A 166 -12.21 -11.05 5.84
CA ARG A 166 -12.27 -11.08 5.86
C ARG A 166 -12.62 -10.80 4.40
N PHE A 167 -11.88 -11.39 3.47
CA PHE A 167 -12.26 -11.31 2.07
C PHE A 167 -13.56 -12.07 1.84
N LEU A 168 -14.28 -11.70 0.78
CA LEU A 168 -15.57 -12.30 0.48
C LEU A 168 -15.45 -13.82 0.35
N GLU A 169 -14.34 -14.29 -0.20
CA GLU A 169 -14.12 -15.74 -0.33
C GLU A 169 -14.00 -16.45 1.02
N GLU A 170 -13.68 -15.71 2.08
CA GLU A 170 -13.46 -16.31 3.40
C GLU A 170 -14.77 -16.47 4.19
N ASN A 171 -15.75 -15.64 3.87
CA ASN A 171 -16.96 -15.56 4.66
C ASN A 171 -18.01 -16.48 4.08
N SER A 172 -19.29 -16.27 4.43
CA SER A 172 -20.31 -17.25 4.12
C SER A 172 -20.28 -17.62 2.65
N SER A 173 -20.41 -18.92 2.43
CA SER A 173 -20.90 -19.52 1.19
C SER A 173 -21.79 -18.63 0.30
N ASP A 174 -22.74 -17.91 0.90
CA ASP A 174 -23.63 -17.00 0.18
C ASP A 174 -23.26 -15.55 0.49
N GLY A 182 -14.86 -6.69 3.12
CA GLY A 182 -13.44 -6.82 2.75
C GLY A 182 -13.13 -6.90 1.26
N GLY A 183 -14.15 -7.24 0.44
CA GLY A 183 -13.96 -7.37 -1.03
C GLY A 183 -13.29 -8.67 -1.44
N LYS A 184 -12.89 -8.80 -2.71
CA LYS A 184 -12.39 -10.06 -3.23
C LYS A 184 -10.86 -10.18 -3.02
N ILE A 185 -10.36 -11.40 -2.95
CA ILE A 185 -8.91 -11.57 -2.83
C ILE A 185 -8.26 -10.97 -4.08
N PRO A 186 -7.27 -10.06 -3.89
CA PRO A 186 -6.57 -9.49 -5.04
C PRO A 186 -5.60 -10.45 -5.67
N ILE A 187 -6.12 -11.28 -6.57
CA ILE A 187 -5.41 -12.46 -7.02
C ILE A 187 -3.99 -12.17 -7.50
N ARG A 188 -3.81 -11.17 -8.36
CA ARG A 188 -2.50 -10.86 -8.95
C ARG A 188 -1.41 -10.45 -7.95
N TRP A 189 -1.81 -10.00 -6.76
CA TRP A 189 -0.87 -9.60 -5.72
C TRP A 189 -0.68 -10.66 -4.67
N THR A 190 -1.47 -11.74 -4.75
CA THR A 190 -1.60 -12.65 -3.60
C THR A 190 -0.76 -13.92 -3.79
N ALA A 191 -0.13 -14.35 -2.70
CA ALA A 191 0.72 -15.54 -2.67
C ALA A 191 -0.12 -16.77 -2.89
N PRO A 192 0.47 -17.77 -3.55
CA PRO A 192 -0.33 -18.93 -3.93
C PRO A 192 -1.01 -19.67 -2.78
N GLU A 193 -0.32 -19.80 -1.65
CA GLU A 193 -0.88 -20.49 -0.49
C GLU A 193 -2.01 -19.67 0.16
N ALA A 194 -1.95 -18.36 0.01
CA ALA A 194 -2.98 -17.48 0.50
C ALA A 194 -4.23 -17.59 -0.38
N ILE A 195 -4.04 -17.65 -1.69
CA ILE A 195 -5.15 -17.91 -2.60
C ILE A 195 -5.78 -19.29 -2.32
N ALA A 196 -4.94 -20.32 -2.29
CA ALA A 196 -5.39 -21.70 -2.18
C ALA A 196 -6.05 -21.97 -0.84
N PHE A 197 -5.44 -21.49 0.24
CA PHE A 197 -5.84 -21.90 1.60
C PHE A 197 -6.36 -20.76 2.49
N ARG A 198 -6.28 -19.55 1.99
CA ARG A 198 -6.60 -18.37 2.80
C ARG A 198 -5.71 -18.20 4.01
N LYS A 199 -4.49 -18.66 3.96
CA LYS A 199 -3.59 -18.36 5.04
C LYS A 199 -2.77 -17.10 4.68
N PHE A 200 -3.17 -15.98 5.30
CA PHE A 200 -2.48 -14.70 5.09
C PHE A 200 -1.52 -14.48 6.24
N THR A 201 -0.25 -14.27 5.89
CA THR A 201 0.83 -14.07 6.85
C THR A 201 1.72 -12.95 6.35
N SER A 202 2.67 -12.55 7.16
CA SER A 202 3.67 -11.57 6.70
C SER A 202 4.44 -12.15 5.49
N ALA A 203 4.60 -13.48 5.43
CA ALA A 203 5.28 -14.13 4.31
C ALA A 203 4.47 -14.06 3.04
N SER A 204 3.14 -14.09 3.14
CA SER A 204 2.33 -13.83 1.92
C SER A 204 2.41 -12.35 1.54
N ASP A 205 2.46 -11.47 2.54
CA ASP A 205 2.77 -10.04 2.22
C ASP A 205 4.12 -9.83 1.51
N ALA A 206 5.13 -10.63 1.85
CA ALA A 206 6.44 -10.52 1.14
C ALA A 206 6.27 -10.85 -0.35
N TRP A 207 5.43 -11.85 -0.67
CA TRP A 207 5.10 -12.15 -2.07
C TRP A 207 4.53 -10.88 -2.74
N SER A 208 3.48 -10.36 -2.10
CA SER A 208 2.85 -9.12 -2.61
C SER A 208 3.89 -8.02 -2.80
N TYR A 209 4.78 -7.85 -1.82
CA TYR A 209 5.85 -6.87 -1.92
C TYR A 209 6.71 -7.08 -3.19
N GLY A 210 7.01 -8.34 -3.55
CA GLY A 210 7.73 -8.60 -4.82
C GLY A 210 6.93 -8.08 -5.99
N ILE A 211 5.63 -8.28 -5.93
CA ILE A 211 4.78 -7.71 -7.02
C ILE A 211 4.88 -6.17 -7.03
N VAL A 212 4.82 -5.53 -5.86
CA VAL A 212 5.00 -4.06 -5.77
C VAL A 212 6.33 -3.66 -6.38
N MET A 213 7.40 -4.44 -6.14
CA MET A 213 8.73 -4.11 -6.70
C MET A 213 8.63 -4.05 -8.22
N TRP A 214 7.99 -5.05 -8.81
CA TRP A 214 7.76 -5.14 -10.22
C TRP A 214 6.98 -3.97 -10.75
N GLU A 215 5.91 -3.61 -10.05
CA GLU A 215 5.10 -2.45 -10.43
C GLU A 215 5.92 -1.17 -10.44
N VAL A 216 6.80 -1.04 -9.46
CA VAL A 216 7.64 0.16 -9.34
C VAL A 216 8.68 0.23 -10.45
N MET A 217 9.42 -0.85 -10.67
CA MET A 217 10.46 -0.87 -11.72
C MET A 217 9.86 -0.85 -13.12
N SER A 218 8.56 -1.13 -13.25
CA SER A 218 7.91 -1.02 -14.55
CA SER A 218 7.84 -1.04 -14.51
C SER A 218 7.16 0.30 -14.68
N PHE A 219 7.35 1.23 -13.75
CA PHE A 219 6.63 2.50 -13.78
C PHE A 219 5.07 2.33 -13.86
N GLY A 220 4.54 1.40 -13.06
CA GLY A 220 3.12 1.23 -12.92
C GLY A 220 2.41 0.38 -13.96
N GLU A 221 3.10 -0.54 -14.59
CA GLU A 221 2.42 -1.44 -15.52
C GLU A 221 1.56 -2.41 -14.70
N ARG A 222 0.57 -3.04 -15.33
CA ARG A 222 -0.31 -4.01 -14.67
C ARG A 222 0.39 -5.35 -14.51
N PRO A 223 0.50 -5.87 -13.24
CA PRO A 223 1.09 -7.20 -13.09
C PRO A 223 0.34 -8.19 -13.99
N TYR A 224 1.09 -8.95 -14.76
CA TYR A 224 0.60 -10.02 -15.65
C TYR A 224 -0.23 -9.52 -16.86
N TRP A 225 -0.13 -8.22 -17.15
CA TRP A 225 -0.75 -7.62 -18.32
C TRP A 225 -2.21 -8.08 -18.44
N ASP A 226 -2.60 -8.70 -19.55
CA ASP A 226 -4.01 -9.04 -19.74
C ASP A 226 -4.38 -10.47 -19.32
N MET A 227 -3.52 -11.15 -18.58
CA MET A 227 -3.82 -12.49 -18.13
C MET A 227 -5.00 -12.47 -17.20
N SER A 228 -5.87 -13.46 -17.33
CA SER A 228 -7.00 -13.57 -16.42
C SER A 228 -6.50 -13.99 -15.03
N ASN A 229 -7.35 -13.80 -14.01
CA ASN A 229 -7.00 -14.26 -12.68
C ASN A 229 -6.71 -15.76 -12.65
N GLN A 230 -7.52 -16.58 -13.32
CA GLN A 230 -7.22 -18.02 -13.35
C GLN A 230 -5.93 -18.33 -14.13
N ASP A 231 -5.68 -17.60 -15.22
CA ASP A 231 -4.41 -17.72 -15.97
C ASP A 231 -3.21 -17.48 -15.05
N VAL A 232 -3.27 -16.42 -14.24
CA VAL A 232 -2.24 -16.09 -13.25
C VAL A 232 -2.01 -17.22 -12.23
N ILE A 233 -3.09 -17.69 -11.60
CA ILE A 233 -3.04 -18.78 -10.63
C ILE A 233 -2.36 -19.98 -11.25
N ASN A 234 -2.79 -20.35 -12.45
CA ASN A 234 -2.22 -21.55 -13.15
C ASN A 234 -0.75 -21.37 -13.54
N ALA A 235 -0.40 -20.18 -14.05
CA ALA A 235 0.97 -19.85 -14.42
C ALA A 235 1.95 -19.95 -13.24
N ILE A 236 1.62 -19.31 -12.14
CA ILE A 236 2.45 -19.37 -10.93
C ILE A 236 2.64 -20.80 -10.41
N GLU A 237 1.56 -21.60 -10.44
CA GLU A 237 1.65 -23.04 -10.03
C GLU A 237 2.57 -23.81 -10.98
N GLN A 238 2.60 -23.35 -12.22
CA GLN A 238 3.43 -23.94 -13.26
C GLN A 238 4.78 -23.21 -13.46
N ASP A 239 5.25 -22.53 -12.41
CA ASP A 239 6.61 -22.04 -12.30
C ASP A 239 6.88 -20.71 -13.03
N TYR A 240 5.85 -20.12 -13.63
CA TYR A 240 6.05 -18.85 -14.33
C TYR A 240 6.25 -17.79 -13.25
N ARG A 241 7.15 -16.85 -13.53
CA ARG A 241 7.28 -15.64 -12.70
C ARG A 241 7.46 -14.46 -13.65
N LEU A 242 6.99 -13.29 -13.24
CA LEU A 242 7.15 -12.11 -14.05
C LEU A 242 8.63 -11.83 -14.40
N PRO A 243 8.90 -11.39 -15.64
CA PRO A 243 10.26 -11.17 -16.09
C PRO A 243 10.73 -9.78 -15.64
N PRO A 244 12.02 -9.51 -15.78
CA PRO A 244 12.52 -8.21 -15.32
C PRO A 244 11.90 -7.10 -16.17
N PRO A 245 11.39 -6.07 -15.52
CA PRO A 245 10.96 -4.96 -16.34
C PRO A 245 12.09 -4.34 -17.16
N PRO A 246 11.71 -3.62 -18.22
CA PRO A 246 12.78 -2.98 -18.98
C PRO A 246 13.72 -2.17 -18.10
N ASP A 247 15.01 -2.32 -18.35
CA ASP A 247 16.06 -1.61 -17.63
C ASP A 247 16.19 -1.95 -16.15
N CYS A 248 15.48 -2.97 -15.67
CA CYS A 248 15.54 -3.31 -14.27
C CYS A 248 16.86 -3.99 -13.91
N PRO A 249 17.60 -3.45 -12.91
CA PRO A 249 18.77 -4.13 -12.39
C PRO A 249 18.45 -5.59 -12.02
N THR A 250 19.31 -6.50 -12.48
CA THR A 250 19.10 -7.91 -12.19
C THR A 250 19.01 -8.20 -10.68
N SER A 251 19.79 -7.50 -9.86
CA SER A 251 19.74 -7.69 -8.42
C SER A 251 18.33 -7.42 -7.86
N LEU A 252 17.63 -6.43 -8.41
CA LEU A 252 16.25 -6.16 -7.98
C LEU A 252 15.31 -7.26 -8.45
N HIS A 253 15.49 -7.72 -9.68
CA HIS A 253 14.68 -8.82 -10.19
C HIS A 253 14.91 -10.06 -9.34
N GLN A 254 16.14 -10.29 -8.92
CA GLN A 254 16.43 -11.46 -8.10
C GLN A 254 15.70 -11.35 -6.77
N LEU A 255 15.69 -10.16 -6.17
CA LEU A 255 14.97 -10.00 -4.91
C LEU A 255 13.48 -10.28 -5.12
N MET A 256 12.94 -9.85 -6.26
CA MET A 256 11.56 -10.19 -6.63
C MET A 256 11.38 -11.71 -6.65
N LEU A 257 12.27 -12.39 -7.33
CA LEU A 257 12.19 -13.86 -7.41
C LEU A 257 12.26 -14.51 -6.04
N ASP A 258 13.06 -13.93 -5.16
CA ASP A 258 13.18 -14.42 -3.76
C ASP A 258 11.83 -14.27 -3.05
N CYS A 259 11.20 -13.11 -3.23
CA CYS A 259 9.86 -12.91 -2.67
C CYS A 259 8.82 -13.88 -3.22
N TRP A 260 8.99 -14.27 -4.47
CA TRP A 260 8.04 -15.18 -5.13
C TRP A 260 8.39 -16.68 -5.01
N GLN A 261 9.17 -17.07 -4.04
CA GLN A 261 9.36 -18.50 -3.83
C GLN A 261 8.05 -19.16 -3.43
N LYS A 262 7.81 -20.36 -3.97
CA LYS A 262 6.55 -21.02 -3.68
C LYS A 262 6.48 -21.38 -2.21
N ASP A 263 7.61 -21.81 -1.66
CA ASP A 263 7.71 -22.11 -0.23
C ASP A 263 7.82 -20.79 0.55
N ARG A 264 6.76 -20.46 1.28
CA ARG A 264 6.71 -19.20 2.01
C ARG A 264 7.83 -19.03 3.00
N ASN A 265 8.31 -20.12 3.59
CA ASN A 265 9.38 -20.02 4.56
C ASN A 265 10.71 -19.65 3.92
N ALA A 266 10.82 -19.80 2.61
CA ALA A 266 12.06 -19.47 1.88
C ALA A 266 12.11 -18.00 1.48
N ARG A 267 10.97 -17.32 1.50
CA ARG A 267 10.97 -15.89 1.15
C ARG A 267 11.73 -15.06 2.22
N PRO A 268 12.34 -13.93 1.81
CA PRO A 268 12.95 -13.06 2.81
C PRO A 268 11.87 -12.45 3.68
N ARG A 269 12.15 -12.30 4.96
CA ARG A 269 11.28 -11.48 5.84
C ARG A 269 11.63 -10.00 5.60
N PHE A 270 10.78 -9.10 6.08
CA PHE A 270 10.96 -7.70 5.74
C PHE A 270 12.25 -7.05 6.27
N PRO A 271 12.75 -7.46 7.47
CA PRO A 271 14.07 -6.87 7.85
C PRO A 271 15.14 -7.15 6.81
N GLN A 272 15.08 -8.34 6.23
CA GLN A 272 16.05 -8.80 5.22
CA GLN A 272 16.10 -8.73 5.27
C GLN A 272 15.85 -8.03 3.94
N VAL A 273 14.58 -7.78 3.61
CA VAL A 273 14.27 -7.00 2.42
C VAL A 273 14.85 -5.62 2.54
N VAL A 274 14.60 -4.95 3.68
CA VAL A 274 15.16 -3.62 3.92
C VAL A 274 16.69 -3.63 3.84
N SER A 275 17.33 -4.58 4.50
CA SER A 275 18.81 -4.72 4.41
C SER A 275 19.34 -4.79 2.99
N ALA A 276 18.72 -5.62 2.18
CA ALA A 276 19.12 -5.82 0.80
C ALA A 276 19.03 -4.50 0.06
N LEU A 277 17.94 -3.79 0.28
CA LEU A 277 17.75 -2.50 -0.40
C LEU A 277 18.73 -1.43 0.07
N ASP A 278 19.03 -1.45 1.36
CA ASP A 278 19.98 -0.55 1.93
C ASP A 278 21.38 -0.80 1.35
N LYS A 279 21.71 -2.06 1.07
CA LYS A 279 23.01 -2.44 0.47
C LYS A 279 23.12 -1.89 -0.93
N MET A 280 22.03 -2.03 -1.68
CA MET A 280 21.96 -1.53 -3.04
C MET A 280 22.17 -0.02 -3.11
N ILE A 281 21.51 0.71 -2.22
CA ILE A 281 21.69 2.16 -2.14
C ILE A 281 23.13 2.48 -1.80
N ARG A 282 23.75 1.72 -0.89
CA ARG A 282 25.15 1.96 -0.49
C ARG A 282 26.14 1.59 -1.59
N ASN A 283 25.76 0.66 -2.44
CA ASN A 283 26.62 0.09 -3.45
C ASN A 283 25.94 0.25 -4.81
N PRO A 284 25.71 1.49 -5.27
CA PRO A 284 24.94 1.71 -6.52
C PRO A 284 25.51 1.06 -7.77
N ALA A 285 26.84 0.84 -7.81
CA ALA A 285 27.44 0.18 -8.96
C ALA A 285 26.79 -1.17 -9.26
N SER A 286 26.37 -1.88 -8.21
CA SER A 286 25.72 -3.18 -8.33
C SER A 286 24.43 -3.13 -9.13
N LEU A 287 23.79 -1.96 -9.15
CA LEU A 287 22.55 -1.77 -9.90
C LEU A 287 22.76 -1.62 -11.42
N LYS A 288 24.02 -1.56 -11.86
CA LYS A 288 24.32 -1.37 -13.28
C LYS A 288 24.11 -2.62 -14.13
N ILE A 289 24.17 -3.81 -13.53
CA ILE A 289 23.95 -5.05 -14.25
C ILE A 289 22.46 -5.22 -14.52
N VAL A 290 22.13 -5.30 -15.81
CA VAL A 290 20.76 -5.39 -16.34
C VAL A 290 20.75 -6.47 -17.44
N ALA A 291 19.66 -7.22 -17.59
CA ALA A 291 19.51 -8.09 -18.77
C ALA A 291 19.08 -7.25 -19.99
#